data_9GFY
#
_entry.id   9GFY
#
_cell.length_a   45.120
_cell.length_b   72.623
_cell.length_c   52.295
_cell.angle_alpha   90.000
_cell.angle_beta   109.220
_cell.angle_gamma   90.000
#
_symmetry.space_group_name_H-M   'P 1 21 1'
#
loop_
_entity.id
_entity.type
_entity.pdbx_description
1 polymer Endothiapepsin
2 polymer Pepstatin
3 non-polymer 'DIMETHYL SULFOXIDE'
4 non-polymer 'PENTAETHYLENE GLYCOL'
5 water water
#
loop_
_entity_poly.entity_id
_entity_poly.type
_entity_poly.pdbx_seq_one_letter_code
_entity_poly.pdbx_strand_id
1 'polypeptide(L)'
;STGSATTTPIDSLDDAYITPVQIGTPAQTLNLDFDTGSSDLWVFSSETTASEVDGQTIYTPSKSTTAKLLSGATWSISYG
DGSSSSGDVYTDTVSVGGLTVTGQAVESAKKVSSSFTEDSTIDGLLGLAFSTLNTVSPTQQKTFFDNAKASLDSPVFTAD
LGYHAPGTYNFGFIDTTAYTGSITYTAVSTKQGFWEWTSTGYAVGSGTFKSTSIDGIADTGTTLLYLPATVVSAYWAQVS
GAKSSSSVGGYVFPCSATLPSFTFGVGSARIVIPGDYIDFGPISTGSSSCFGGIQSSAGIGINIFGDVALKAAFVVFNGA
TTPTLGFASK
;
A
2 'polypeptide(L)' (IVA)VV(STA)A(STA) B
#
# COMPACT_ATOMS: atom_id res chain seq x y z
N SER A 1 3.01 -1.49 23.96
N SER A 1 2.95 -1.59 23.87
CA SER A 1 4.07 -1.02 23.08
CA SER A 1 4.01 -0.96 23.12
C SER A 1 3.48 -0.27 21.89
C SER A 1 3.46 -0.25 21.90
N THR A 2 4.32 0.54 21.24
CA THR A 2 3.97 1.21 20.00
C THR A 2 5.20 1.24 19.10
N GLY A 3 4.98 1.58 17.83
CA GLY A 3 6.06 1.87 16.92
C GLY A 3 5.66 3.02 16.00
N SER A 4 6.67 3.70 15.48
N SER A 4 6.68 3.69 15.47
CA SER A 4 6.45 4.82 14.58
CA SER A 4 6.46 4.83 14.59
C SER A 4 7.60 4.90 13.60
C SER A 4 7.62 4.90 13.60
N ALA A 5 7.31 4.84 12.31
CA ALA A 5 8.32 4.87 11.28
C ALA A 5 7.93 5.81 10.15
N THR A 6 8.92 6.50 9.60
CA THR A 6 8.67 7.39 8.48
C THR A 6 8.67 6.62 7.18
N THR A 7 7.71 6.94 6.32
CA THR A 7 7.61 6.33 4.99
C THR A 7 7.84 7.41 3.94
N THR A 8 8.58 7.06 2.89
CA THR A 8 9.11 8.03 1.94
C THR A 8 8.81 7.59 0.51
N PRO A 9 8.34 8.48 -0.35
CA PRO A 9 8.13 8.10 -1.77
C PRO A 9 9.44 7.65 -2.41
N ILE A 10 9.33 6.62 -3.26
CA ILE A 10 10.52 6.08 -3.92
C ILE A 10 10.98 6.95 -5.08
N ASP A 11 10.13 7.86 -5.57
CA ASP A 11 10.45 8.65 -6.75
C ASP A 11 9.58 9.90 -6.74
N SER A 12 9.73 10.71 -7.78
CA SER A 12 9.05 12.00 -7.85
C SER A 12 7.56 11.87 -8.15
N LEU A 13 7.07 10.66 -8.42
CA LEU A 13 5.68 10.46 -8.76
C LEU A 13 4.89 9.81 -7.63
N ASP A 14 5.54 9.49 -6.51
CA ASP A 14 4.90 8.70 -5.45
C ASP A 14 4.45 7.34 -5.98
N ASP A 15 5.29 6.69 -6.80
CA ASP A 15 4.89 5.39 -7.35
C ASP A 15 4.71 4.36 -6.25
N ALA A 16 5.46 4.49 -5.17
CA ALA A 16 5.36 3.61 -4.01
C ALA A 16 6.10 4.31 -2.88
N TYR A 17 5.97 3.77 -1.68
CA TYR A 17 6.59 4.32 -0.48
C TYR A 17 7.41 3.24 0.20
N ILE A 18 8.57 3.63 0.74
CA ILE A 18 9.46 2.70 1.44
C ILE A 18 9.63 3.14 2.88
N THR A 19 9.72 2.16 3.78
CA THR A 19 9.82 2.39 5.20
C THR A 19 10.96 1.52 5.71
N PRO A 20 11.89 2.06 6.48
CA PRO A 20 13.01 1.25 6.97
C PRO A 20 12.54 0.25 8.01
N VAL A 21 13.06 -0.98 7.92
CA VAL A 21 12.69 -2.07 8.79
C VAL A 21 13.99 -2.76 9.23
N GLN A 22 14.12 -3.02 10.53
CA GLN A 22 15.28 -3.71 11.07
C GLN A 22 15.00 -5.20 11.17
N ILE A 23 15.88 -6.01 10.59
CA ILE A 23 15.73 -7.46 10.58
C ILE A 23 17.02 -8.09 11.11
N GLY A 24 16.89 -8.98 12.09
CA GLY A 24 18.02 -9.76 12.54
C GLY A 24 18.85 -9.10 13.63
N THR A 25 19.88 -9.83 14.05
CA THR A 25 20.78 -9.41 15.13
C THR A 25 22.22 -9.70 14.71
N PRO A 26 23.09 -8.68 14.55
CA PRO A 26 22.80 -7.24 14.65
C PRO A 26 21.82 -6.83 13.55
N ALA A 27 21.19 -5.67 13.72
CA ALA A 27 20.16 -5.24 12.79
C ALA A 27 20.69 -5.12 11.38
N GLN A 28 19.89 -5.58 10.43
CA GLN A 28 20.06 -5.31 9.01
C GLN A 28 18.85 -4.47 8.59
N THR A 29 19.09 -3.26 8.12
CA THR A 29 18.01 -2.35 7.79
C THR A 29 17.72 -2.44 6.29
N LEU A 30 16.48 -2.83 5.96
CA LEU A 30 16.01 -2.87 4.59
C LEU A 30 14.83 -1.91 4.45
N ASN A 31 14.68 -1.35 3.26
CA ASN A 31 13.60 -0.43 2.98
C ASN A 31 12.47 -1.19 2.31
N LEU A 32 11.38 -1.39 3.03
CA LEU A 32 10.30 -2.24 2.56
C LEU A 32 9.07 -1.42 2.17
N ASP A 33 8.31 -1.96 1.21
CA ASP A 33 7.06 -1.38 0.77
C ASP A 33 5.95 -1.96 1.65
N PHE A 34 5.43 -1.15 2.57
CA PHE A 34 4.35 -1.59 3.45
C PHE A 34 3.07 -1.69 2.62
N ASP A 35 2.47 -2.87 2.59
CA ASP A 35 1.45 -3.21 1.60
C ASP A 35 0.22 -3.76 2.30
N THR A 36 -0.79 -2.91 2.50
CA THR A 36 -2.03 -3.39 3.10
C THR A 36 -2.85 -4.26 2.16
N GLY A 37 -2.36 -4.51 0.95
CA GLY A 37 -2.97 -5.42 0.00
C GLY A 37 -2.28 -6.77 -0.16
N SER A 38 -1.37 -7.13 0.73
CA SER A 38 -0.81 -8.48 0.75
C SER A 38 -0.39 -8.79 2.17
N SER A 39 0.04 -10.05 2.38
CA SER A 39 0.23 -10.52 3.74
C SER A 39 1.54 -11.28 3.89
N ASP A 40 2.51 -11.05 3.02
CA ASP A 40 3.81 -11.67 3.09
C ASP A 40 4.86 -10.59 3.33
N LEU A 41 5.72 -10.81 4.32
CA LEU A 41 6.91 -10.00 4.50
C LEU A 41 8.02 -10.73 3.79
N TRP A 42 8.45 -10.22 2.64
CA TRP A 42 9.49 -10.86 1.87
C TRP A 42 10.58 -9.85 1.54
N VAL A 43 11.81 -10.37 1.41
CA VAL A 43 12.97 -9.52 1.20
C VAL A 43 13.90 -10.09 0.15
N PHE A 44 14.55 -9.18 -0.58
CA PHE A 44 15.76 -9.53 -1.30
C PHE A 44 16.77 -10.05 -0.28
N SER A 45 17.53 -11.08 -0.68
CA SER A 45 18.36 -11.76 0.29
C SER A 45 19.62 -12.28 -0.37
N SER A 46 20.50 -12.85 0.46
CA SER A 46 21.67 -13.55 -0.02
C SER A 46 21.32 -14.78 -0.84
N GLU A 47 20.05 -15.19 -0.85
CA GLU A 47 19.59 -16.32 -1.65
C GLU A 47 18.95 -15.89 -2.97
N THR A 48 18.76 -14.60 -3.20
CA THR A 48 18.13 -14.16 -4.43
C THR A 48 19.09 -14.37 -5.59
N THR A 49 18.59 -15.02 -6.65
CA THR A 49 19.35 -15.25 -7.88
C THR A 49 20.12 -13.99 -8.24
N ALA A 50 21.44 -14.13 -8.38
CA ALA A 50 22.32 -12.97 -8.49
C ALA A 50 21.92 -12.06 -9.65
N SER A 51 21.54 -12.66 -10.78
CA SER A 51 21.15 -11.87 -11.95
C SER A 51 19.87 -11.07 -11.74
N GLU A 52 19.13 -11.35 -10.67
CA GLU A 52 17.87 -10.67 -10.38
C GLU A 52 18.02 -9.60 -9.30
N VAL A 53 19.23 -9.35 -8.83
CA VAL A 53 19.51 -8.30 -7.85
C VAL A 53 20.27 -7.17 -8.56
N ASP A 54 19.78 -5.93 -8.40
CA ASP A 54 20.39 -4.78 -9.08
C ASP A 54 20.25 -3.56 -8.17
N GLY A 55 21.07 -3.51 -7.12
CA GLY A 55 21.16 -2.35 -6.26
C GLY A 55 20.37 -2.44 -4.97
N GLN A 56 19.52 -3.46 -4.82
CA GLN A 56 18.78 -3.62 -3.58
C GLN A 56 19.70 -3.99 -2.43
N THR A 57 19.32 -3.58 -1.24
CA THR A 57 19.94 -4.08 -0.02
C THR A 57 19.35 -5.45 0.30
N ILE A 58 20.22 -6.39 0.64
CA ILE A 58 19.80 -7.77 0.84
C ILE A 58 19.90 -8.16 2.31
N TYR A 59 19.00 -9.02 2.73
CA TYR A 59 19.04 -9.66 4.03
C TYR A 59 19.90 -10.91 3.94
N THR A 60 20.86 -11.05 4.86
CA THR A 60 21.73 -12.21 4.89
C THR A 60 21.48 -12.95 6.19
N PRO A 61 20.65 -13.99 6.19
CA PRO A 61 20.32 -14.65 7.48
C PRO A 61 21.52 -15.28 8.15
N SER A 62 22.54 -15.71 7.39
CA SER A 62 23.71 -16.32 7.99
C SER A 62 24.50 -15.34 8.86
N LYS A 63 24.24 -14.04 8.75
CA LYS A 63 24.89 -13.03 9.58
C LYS A 63 24.05 -12.61 10.77
N SER A 64 22.89 -13.23 10.97
CA SER A 64 21.99 -12.88 12.06
C SER A 64 22.00 -13.99 13.10
N THR A 65 22.34 -13.64 14.34
CA THR A 65 22.38 -14.63 15.40
C THR A 65 21.00 -15.12 15.81
N THR A 66 19.94 -14.42 15.40
CA THR A 66 18.58 -14.79 15.76
C THR A 66 17.80 -15.41 14.61
N ALA A 67 18.40 -15.53 13.43
CA ALA A 67 17.73 -16.13 12.29
C ALA A 67 17.66 -17.64 12.45
N LYS A 68 16.51 -18.21 12.07
CA LYS A 68 16.33 -19.65 12.06
C LYS A 68 15.64 -20.02 10.75
N LEU A 69 16.14 -21.04 10.08
CA LEU A 69 15.42 -21.56 8.91
C LEU A 69 14.08 -22.11 9.36
N LEU A 70 13.01 -21.74 8.66
CA LEU A 70 11.70 -22.34 8.88
C LEU A 70 11.66 -23.55 7.96
N SER A 71 12.03 -24.70 8.52
CA SER A 71 12.41 -25.84 7.70
C SER A 71 11.25 -26.30 6.82
N GLY A 72 11.53 -26.43 5.53
CA GLY A 72 10.57 -26.93 4.57
C GLY A 72 9.56 -25.93 4.07
N ALA A 73 9.55 -24.72 4.62
CA ALA A 73 8.54 -23.75 4.24
C ALA A 73 8.97 -23.03 2.97
N THR A 74 8.02 -22.82 2.07
CA THR A 74 8.26 -22.04 0.87
C THR A 74 7.10 -21.05 0.70
N TRP A 75 7.31 -20.09 -0.19
CA TRP A 75 6.29 -19.10 -0.47
C TRP A 75 6.37 -18.72 -1.93
N SER A 76 5.26 -18.22 -2.46
CA SER A 76 5.20 -17.84 -3.86
C SER A 76 3.98 -16.94 -4.01
N ILE A 77 4.17 -15.77 -4.58
CA ILE A 77 3.10 -14.76 -4.61
C ILE A 77 3.05 -14.12 -5.98
N SER A 78 1.83 -13.80 -6.42
CA SER A 78 1.56 -13.09 -7.66
C SER A 78 0.78 -11.83 -7.32
N TYR A 79 1.15 -10.72 -7.95
CA TYR A 79 0.51 -9.44 -7.66
C TYR A 79 -0.34 -8.97 -8.84
N GLY A 80 -1.19 -7.98 -8.56
CA GLY A 80 -2.16 -7.51 -9.53
C GLY A 80 -1.56 -6.88 -10.77
N ASP A 81 -0.34 -6.38 -10.68
CA ASP A 81 0.33 -5.81 -11.84
C ASP A 81 1.15 -6.83 -12.62
N GLY A 82 1.04 -8.12 -12.29
CA GLY A 82 1.75 -9.15 -12.98
C GLY A 82 3.11 -9.48 -12.41
N SER A 83 3.58 -8.74 -11.42
CA SER A 83 4.86 -9.05 -10.78
C SER A 83 4.70 -10.24 -9.83
N SER A 84 5.83 -10.79 -9.39
CA SER A 84 5.79 -12.00 -8.57
C SER A 84 7.13 -12.22 -7.91
N SER A 85 7.13 -13.08 -6.89
CA SER A 85 8.35 -13.47 -6.20
C SER A 85 8.09 -14.77 -5.44
N SER A 86 9.17 -15.44 -5.06
CA SER A 86 9.05 -16.73 -4.38
C SER A 86 10.37 -17.06 -3.69
N GLY A 87 10.31 -17.99 -2.74
CA GLY A 87 11.53 -18.42 -2.09
C GLY A 87 11.28 -19.29 -0.88
N ASP A 88 12.22 -19.26 0.05
CA ASP A 88 12.10 -20.01 1.29
C ASP A 88 11.89 -19.03 2.46
N VAL A 89 11.92 -19.55 3.68
CA VAL A 89 11.45 -18.78 4.83
C VAL A 89 12.39 -18.95 6.01
N TYR A 90 12.69 -17.84 6.67
CA TYR A 90 13.35 -17.81 7.96
C TYR A 90 12.41 -17.18 8.98
N THR A 91 12.69 -17.41 10.25
CA THR A 91 12.13 -16.54 11.28
C THR A 91 13.27 -15.71 11.86
N ASP A 92 12.94 -14.48 12.24
CA ASP A 92 13.95 -13.59 12.80
C ASP A 92 13.23 -12.48 13.55
N THR A 93 14.01 -11.70 14.27
CA THR A 93 13.50 -10.55 14.98
C THR A 93 13.36 -9.39 14.01
N VAL A 94 12.18 -8.78 13.99
CA VAL A 94 11.87 -7.69 13.07
C VAL A 94 11.37 -6.52 13.88
N SER A 95 11.93 -5.33 13.62
CA SER A 95 11.53 -4.13 14.33
C SER A 95 11.14 -3.04 13.34
N VAL A 96 10.03 -2.38 13.63
CA VAL A 96 9.54 -1.26 12.82
C VAL A 96 9.39 -0.08 13.76
N GLY A 97 10.19 0.95 13.54
CA GLY A 97 10.01 2.18 14.29
C GLY A 97 10.02 1.98 15.79
N GLY A 98 10.85 1.07 16.28
CA GLY A 98 10.96 0.82 17.71
C GLY A 98 10.11 -0.32 18.24
N LEU A 99 9.20 -0.87 17.45
CA LEU A 99 8.34 -1.97 17.86
C LEU A 99 8.93 -3.27 17.34
N THR A 100 9.14 -4.24 18.23
CA THR A 100 9.87 -5.46 17.91
C THR A 100 8.97 -6.68 18.00
N VAL A 101 9.06 -7.53 16.97
CA VAL A 101 8.44 -8.86 16.98
C VAL A 101 9.55 -9.89 16.86
N THR A 102 9.57 -10.84 17.79
CA THR A 102 10.49 -11.97 17.68
C THR A 102 9.79 -13.13 16.98
N GLY A 103 10.58 -13.91 16.25
CA GLY A 103 9.99 -15.05 15.53
C GLY A 103 9.14 -14.68 14.33
N GLN A 104 9.29 -13.49 13.78
CA GLN A 104 8.54 -13.11 12.59
C GLN A 104 9.00 -13.91 11.37
N ALA A 105 8.06 -14.40 10.57
CA ALA A 105 8.44 -15.03 9.31
C ALA A 105 8.98 -13.99 8.36
N VAL A 106 10.22 -14.18 7.93
CA VAL A 106 10.89 -13.32 6.96
C VAL A 106 11.09 -14.19 5.72
N GLU A 107 10.35 -13.90 4.66
CA GLU A 107 10.35 -14.73 3.48
C GLU A 107 11.48 -14.28 2.55
N SER A 108 12.45 -15.16 2.35
CA SER A 108 13.64 -14.82 1.59
C SER A 108 13.41 -15.14 0.12
N ALA A 109 13.57 -14.13 -0.73
CA ALA A 109 13.33 -14.33 -2.15
C ALA A 109 14.47 -15.11 -2.79
N LYS A 110 14.13 -16.20 -3.47
CA LYS A 110 15.05 -16.84 -4.37
C LYS A 110 14.87 -16.35 -5.80
N LYS A 111 13.65 -15.98 -6.16
CA LYS A 111 13.32 -15.46 -7.48
C LYS A 111 12.43 -14.24 -7.33
N VAL A 112 12.69 -13.21 -8.12
CA VAL A 112 11.81 -12.05 -8.23
C VAL A 112 11.59 -11.75 -9.70
N SER A 113 10.44 -11.17 -10.02
CA SER A 113 10.16 -10.82 -11.40
C SER A 113 10.90 -9.52 -11.78
N SER A 114 10.92 -9.25 -13.08
CA SER A 114 11.78 -8.19 -13.61
C SER A 114 11.47 -6.83 -13.00
N SER A 115 10.19 -6.55 -12.73
N SER A 115 10.19 -6.54 -12.73
CA SER A 115 9.84 -5.24 -12.19
CA SER A 115 9.86 -5.23 -12.19
C SER A 115 10.46 -5.01 -10.81
C SER A 115 10.48 -5.01 -10.82
N PHE A 116 10.62 -6.06 -10.01
CA PHE A 116 11.29 -5.90 -8.73
C PHE A 116 12.79 -5.68 -8.92
N THR A 117 13.41 -6.48 -9.79
CA THR A 117 14.84 -6.29 -10.08
C THR A 117 15.10 -4.86 -10.54
N GLU A 118 14.22 -4.33 -11.38
CA GLU A 118 14.42 -3.03 -11.99
C GLU A 118 14.19 -1.87 -11.03
N ASP A 119 13.62 -2.11 -9.85
CA ASP A 119 13.39 -1.06 -8.86
C ASP A 119 14.41 -1.25 -7.74
N SER A 120 15.52 -0.52 -7.81
CA SER A 120 16.58 -0.67 -6.82
C SER A 120 16.21 -0.09 -5.46
N THR A 121 15.11 0.67 -5.37
CA THR A 121 14.75 1.34 -4.13
C THR A 121 13.91 0.48 -3.19
N ILE A 122 13.35 -0.62 -3.67
CA ILE A 122 12.46 -1.46 -2.86
C ILE A 122 13.19 -2.75 -2.54
N ASP A 123 13.48 -2.96 -1.26
CA ASP A 123 14.21 -4.15 -0.81
C ASP A 123 13.28 -5.31 -0.48
N GLY A 124 11.99 -5.11 -0.59
CA GLY A 124 11.02 -6.15 -0.26
C GLY A 124 9.71 -5.49 0.14
N LEU A 125 8.79 -6.34 0.62
CA LEU A 125 7.46 -5.92 1.01
C LEU A 125 7.20 -6.33 2.44
N LEU A 126 6.39 -5.54 3.14
CA LEU A 126 5.88 -5.90 4.46
C LEU A 126 4.36 -5.92 4.35
N GLY A 127 3.79 -7.12 4.35
CA GLY A 127 2.36 -7.26 4.14
C GLY A 127 1.56 -6.91 5.38
N LEU A 128 0.46 -6.17 5.17
CA LEU A 128 -0.38 -5.71 6.27
C LEU A 128 -1.86 -6.00 6.02
N ALA A 129 -2.17 -6.87 5.07
CA ALA A 129 -3.52 -7.40 4.92
C ALA A 129 -3.72 -8.50 5.97
N PHE A 130 -4.81 -9.25 5.84
CA PHE A 130 -5.09 -10.26 6.86
C PHE A 130 -4.27 -11.52 6.62
N SER A 131 -3.89 -12.18 7.71
CA SER A 131 -2.94 -13.29 7.59
C SER A 131 -3.48 -14.47 6.80
N THR A 132 -4.80 -14.52 6.56
CA THR A 132 -5.39 -15.56 5.72
C THR A 132 -4.90 -15.48 4.27
N LEU A 133 -4.32 -14.35 3.86
N LEU A 133 -4.31 -14.35 3.88
CA LEU A 133 -3.76 -14.21 2.52
CA LEU A 133 -3.75 -14.16 2.55
C LEU A 133 -2.30 -14.65 2.43
C LEU A 133 -2.28 -14.55 2.45
N ASN A 134 -1.65 -14.95 3.55
CA ASN A 134 -0.23 -15.26 3.53
C ASN A 134 0.03 -16.54 2.72
N THR A 135 1.09 -16.52 1.90
CA THR A 135 1.32 -17.61 0.95
C THR A 135 2.28 -18.69 1.46
N VAL A 136 2.77 -18.62 2.69
CA VAL A 136 3.73 -19.62 3.14
C VAL A 136 3.07 -20.99 3.24
N SER A 137 3.74 -22.01 2.71
CA SER A 137 3.28 -23.38 2.74
C SER A 137 4.39 -24.26 3.27
N PRO A 138 4.07 -25.31 4.04
CA PRO A 138 2.74 -25.83 4.37
C PRO A 138 2.12 -25.20 5.61
N THR A 139 2.85 -24.32 6.29
CA THR A 139 2.37 -23.71 7.53
C THR A 139 2.24 -22.21 7.28
N GLN A 140 1.00 -21.74 7.13
CA GLN A 140 0.76 -20.35 6.85
C GLN A 140 1.27 -19.48 8.01
N GLN A 141 1.83 -18.32 7.67
CA GLN A 141 2.45 -17.45 8.65
C GLN A 141 1.64 -16.17 8.85
N LYS A 142 1.86 -15.52 9.99
CA LYS A 142 1.15 -14.31 10.35
C LYS A 142 1.93 -13.06 9.96
N THR A 143 1.20 -11.98 9.71
CA THR A 143 1.85 -10.71 9.39
C THR A 143 2.53 -10.12 10.62
N PHE A 144 3.40 -9.15 10.36
CA PHE A 144 4.03 -8.38 11.42
C PHE A 144 2.99 -7.75 12.34
N PHE A 145 1.91 -7.21 11.75
CA PHE A 145 0.87 -6.59 12.57
C PHE A 145 0.17 -7.63 13.44
N ASP A 146 -0.18 -8.79 12.87
CA ASP A 146 -0.85 -9.81 13.67
C ASP A 146 0.04 -10.29 14.81
N ASN A 147 1.34 -10.45 14.56
CA ASN A 147 2.25 -10.89 15.60
C ASN A 147 2.46 -9.83 16.67
N ALA A 148 2.40 -8.56 16.29
CA ALA A 148 2.61 -7.47 17.24
C ALA A 148 1.36 -7.15 18.04
N LYS A 149 0.19 -7.54 17.53
CA LYS A 149 -1.07 -6.95 17.97
C LYS A 149 -1.28 -7.09 19.48
N ALA A 150 -1.02 -8.26 20.04
CA ALA A 150 -1.28 -8.48 21.45
C ALA A 150 -0.42 -7.60 22.35
N SER A 151 0.73 -7.15 21.85
CA SER A 151 1.63 -6.30 22.62
CA SER A 151 1.61 -6.29 22.63
C SER A 151 1.32 -4.82 22.46
N LEU A 152 0.52 -4.45 21.46
CA LEU A 152 0.27 -3.04 21.17
C LEU A 152 -0.66 -2.42 22.20
N ASP A 153 -0.47 -1.12 22.44
CA ASP A 153 -1.37 -0.39 23.34
C ASP A 153 -2.80 -0.46 22.85
N SER A 154 -3.00 -0.41 21.53
CA SER A 154 -4.29 -0.49 20.88
C SER A 154 -4.05 -1.30 19.61
N PRO A 155 -4.99 -2.18 19.23
CA PRO A 155 -4.74 -3.11 18.11
C PRO A 155 -4.95 -2.46 16.74
N VAL A 156 -4.13 -1.45 16.43
CA VAL A 156 -4.33 -0.61 15.26
C VAL A 156 -2.97 -0.30 14.64
N PHE A 157 -3.00 0.02 13.34
CA PHE A 157 -1.92 0.78 12.74
C PHE A 157 -2.55 1.86 11.87
N THR A 158 -1.77 2.92 11.62
CA THR A 158 -2.27 4.03 10.83
C THR A 158 -1.31 4.32 9.70
N ALA A 159 -1.88 4.73 8.56
CA ALA A 159 -1.12 5.16 7.40
C ALA A 159 -1.38 6.65 7.18
N ASP A 160 -0.30 7.43 7.15
CA ASP A 160 -0.38 8.87 6.92
C ASP A 160 0.62 9.16 5.80
N LEU A 161 0.22 8.88 4.57
CA LEU A 161 1.13 8.99 3.43
C LEU A 161 1.19 10.43 2.95
N GLY A 162 2.38 10.86 2.53
CA GLY A 162 2.56 12.20 2.02
C GLY A 162 2.45 12.30 0.51
N TYR A 163 2.09 13.48 0.05
CA TYR A 163 2.07 13.81 -1.37
C TYR A 163 3.43 14.42 -1.71
N HIS A 164 4.25 13.69 -2.46
CA HIS A 164 5.59 14.12 -2.81
C HIS A 164 6.38 14.52 -1.57
N ALA A 165 6.17 13.79 -0.48
CA ALA A 165 6.73 14.16 0.81
C ALA A 165 6.67 12.95 1.72
N PRO A 166 7.51 12.89 2.75
CA PRO A 166 7.44 11.79 3.71
C PRO A 166 6.15 11.82 4.52
N GLY A 167 5.87 10.66 5.11
CA GLY A 167 4.72 10.46 5.97
C GLY A 167 5.06 9.46 7.04
N THR A 168 4.05 8.84 7.65
CA THR A 168 4.26 8.05 8.85
C THR A 168 3.36 6.83 8.87
N TYR A 169 3.94 5.69 9.28
CA TYR A 169 3.19 4.52 9.74
C TYR A 169 3.36 4.42 11.25
N ASN A 170 2.26 4.42 11.98
CA ASN A 170 2.27 4.21 13.42
C ASN A 170 1.60 2.90 13.75
N PHE A 171 2.12 2.22 14.76
CA PHE A 171 1.55 0.97 15.25
C PHE A 171 1.18 1.14 16.72
N GLY A 172 -0.06 0.82 17.06
CA GLY A 172 -0.49 0.75 18.44
C GLY A 172 -1.08 2.01 19.02
N PHE A 173 -1.16 3.09 18.26
CA PHE A 173 -1.74 4.32 18.78
C PHE A 173 -2.19 5.20 17.62
N ILE A 174 -3.11 6.10 17.92
CA ILE A 174 -3.62 7.08 16.97
C ILE A 174 -3.06 8.45 17.36
N ASP A 175 -2.30 9.06 16.46
CA ASP A 175 -1.71 10.38 16.68
C ASP A 175 -2.78 11.41 16.39
N THR A 176 -3.39 11.96 17.45
CA THR A 176 -4.49 12.91 17.30
C THR A 176 -4.02 14.25 16.74
N THR A 177 -2.73 14.49 16.64
CA THR A 177 -2.24 15.71 16.02
C THR A 177 -2.08 15.57 14.51
N ALA A 178 -2.29 14.38 13.97
CA ALA A 178 -1.97 14.11 12.57
C ALA A 178 -3.14 14.33 11.62
N TYR A 179 -4.32 14.65 12.14
CA TYR A 179 -5.49 14.80 11.27
C TYR A 179 -6.34 15.95 11.77
N THR A 180 -7.25 16.39 10.91
CA THR A 180 -8.23 17.42 11.23
C THR A 180 -9.59 16.77 11.40
N GLY A 181 -10.47 17.45 12.14
CA GLY A 181 -11.81 16.94 12.34
C GLY A 181 -11.79 15.63 13.12
N SER A 182 -12.74 14.76 12.81
CA SER A 182 -12.89 13.47 13.47
CA SER A 182 -12.89 13.47 13.47
C SER A 182 -12.61 12.35 12.48
N ILE A 183 -12.35 11.16 13.02
CA ILE A 183 -12.12 9.97 12.22
C ILE A 183 -13.47 9.29 12.01
N THR A 184 -13.81 9.02 10.76
CA THR A 184 -15.04 8.30 10.45
C THR A 184 -14.70 6.83 10.21
N TYR A 185 -15.28 5.96 11.02
CA TYR A 185 -15.04 4.53 10.91
C TYR A 185 -16.12 3.87 10.08
N THR A 186 -15.71 2.86 9.33
CA THR A 186 -16.59 2.17 8.40
C THR A 186 -16.28 0.67 8.43
N ALA A 187 -17.29 -0.14 8.17
CA ALA A 187 -17.18 -1.59 8.34
C ALA A 187 -16.23 -2.21 7.31
N VAL A 188 -15.61 -3.31 7.71
CA VAL A 188 -14.66 -4.02 6.86
C VAL A 188 -15.13 -5.47 6.69
N SER A 189 -15.05 -5.97 5.47
CA SER A 189 -15.18 -7.40 5.20
C SER A 189 -13.80 -7.99 5.06
N THR A 190 -13.53 -9.06 5.82
CA THR A 190 -12.27 -9.77 5.72
C THR A 190 -12.37 -11.02 4.84
N LYS A 191 -13.49 -11.21 4.15
CA LYS A 191 -13.76 -12.48 3.48
C LYS A 191 -12.77 -12.78 2.36
N GLN A 192 -12.20 -11.76 1.73
CA GLN A 192 -11.20 -11.95 0.70
C GLN A 192 -9.78 -11.71 1.21
N GLY A 193 -9.62 -11.47 2.51
CA GLY A 193 -8.32 -11.23 3.09
C GLY A 193 -7.84 -9.80 3.04
N PHE A 194 -8.65 -8.88 2.52
CA PHE A 194 -8.26 -7.49 2.35
C PHE A 194 -8.99 -6.58 3.33
N TRP A 195 -8.50 -5.35 3.42
CA TRP A 195 -9.21 -4.27 4.12
C TRP A 195 -10.28 -3.74 3.16
N GLU A 196 -11.36 -4.51 3.04
CA GLU A 196 -12.39 -4.26 2.05
C GLU A 196 -13.55 -3.53 2.71
N TRP A 197 -13.97 -2.43 2.11
CA TRP A 197 -14.96 -1.53 2.70
C TRP A 197 -15.84 -1.00 1.58
N THR A 198 -16.81 -0.16 1.93
CA THR A 198 -17.76 0.37 0.96
C THR A 198 -17.81 1.89 1.08
N SER A 199 -17.30 2.58 0.06
CA SER A 199 -17.44 4.03 -0.01
C SER A 199 -18.88 4.39 -0.32
N THR A 200 -19.30 5.56 0.17
CA THR A 200 -20.68 6.00 0.03
C THR A 200 -20.92 6.89 -1.18
N GLY A 201 -19.89 7.19 -1.96
CA GLY A 201 -20.13 7.89 -3.22
C GLY A 201 -18.95 8.78 -3.58
N TYR A 202 -19.21 9.69 -4.52
CA TYR A 202 -18.11 10.51 -5.02
C TYR A 202 -18.62 11.83 -5.58
N ALA A 203 -17.69 12.77 -5.72
CA ALA A 203 -17.93 14.00 -6.46
C ALA A 203 -16.69 14.34 -7.26
N VAL A 204 -16.90 15.02 -8.39
CA VAL A 204 -15.82 15.47 -9.26
C VAL A 204 -15.72 16.98 -9.14
N GLY A 205 -14.55 17.47 -8.74
CA GLY A 205 -14.38 18.91 -8.59
C GLY A 205 -15.44 19.49 -7.67
N SER A 206 -16.08 20.57 -8.11
N SER A 206 -16.08 20.57 -8.11
CA SER A 206 -17.11 21.24 -7.35
CA SER A 206 -17.12 21.24 -7.35
C SER A 206 -18.50 20.67 -7.61
C SER A 206 -18.51 20.65 -7.59
N GLY A 207 -18.59 19.51 -8.26
CA GLY A 207 -19.87 18.93 -8.58
C GLY A 207 -20.61 18.37 -7.39
N THR A 208 -21.89 18.09 -7.62
CA THR A 208 -22.75 17.55 -6.57
C THR A 208 -22.35 16.11 -6.28
N PHE A 209 -22.31 15.78 -4.99
CA PHE A 209 -21.93 14.44 -4.57
C PHE A 209 -22.98 13.43 -5.01
N LYS A 210 -22.52 12.35 -5.60
N LYS A 210 -22.53 12.34 -5.61
CA LYS A 210 -23.38 11.24 -6.04
CA LYS A 210 -23.40 11.25 -6.03
C LYS A 210 -23.33 10.14 -4.98
C LYS A 210 -23.34 10.15 -4.99
N SER A 211 -24.47 9.88 -4.35
CA SER A 211 -24.56 8.82 -3.36
C SER A 211 -24.69 7.48 -4.06
N THR A 212 -23.70 6.62 -3.89
CA THR A 212 -23.65 5.32 -4.55
C THR A 212 -22.62 4.47 -3.84
N SER A 213 -22.94 3.21 -3.61
CA SER A 213 -22.05 2.31 -2.88
C SER A 213 -20.95 1.81 -3.80
N ILE A 214 -19.69 1.95 -3.35
CA ILE A 214 -18.53 1.49 -4.12
C ILE A 214 -17.69 0.63 -3.19
N ASP A 215 -17.78 -0.69 -3.35
CA ASP A 215 -16.92 -1.59 -2.59
C ASP A 215 -15.49 -1.49 -3.11
N GLY A 216 -14.51 -1.57 -2.22
CA GLY A 216 -13.13 -1.56 -2.65
C GLY A 216 -12.20 -1.88 -1.50
N ILE A 217 -10.91 -1.98 -1.81
CA ILE A 217 -9.92 -2.30 -0.80
C ILE A 217 -9.03 -1.08 -0.54
N ALA A 218 -8.65 -0.90 0.72
CA ALA A 218 -7.69 0.13 1.09
C ALA A 218 -6.31 -0.49 0.95
N ASP A 219 -5.55 -0.06 -0.06
CA ASP A 219 -4.30 -0.73 -0.42
C ASP A 219 -3.14 0.25 -0.53
N THR A 220 -2.32 0.32 0.51
CA THR A 220 -1.14 1.19 0.48
C THR A 220 -0.12 0.75 -0.57
N GLY A 221 -0.18 -0.52 -1.00
CA GLY A 221 0.75 -1.03 -1.99
C GLY A 221 0.32 -0.86 -3.43
N THR A 222 -0.77 -0.14 -3.69
CA THR A 222 -1.19 0.20 -5.04
C THR A 222 -1.03 1.70 -5.21
N THR A 223 -0.46 2.12 -6.35
CA THR A 223 -0.17 3.53 -6.57
C THR A 223 -1.44 4.36 -6.73
N LEU A 224 -2.37 3.88 -7.55
CA LEU A 224 -3.45 4.70 -8.10
C LEU A 224 -4.79 4.35 -7.45
N LEU A 225 -5.79 5.13 -7.85
CA LEU A 225 -7.18 4.92 -7.43
C LEU A 225 -7.92 4.27 -8.60
N TYR A 226 -8.35 3.02 -8.41
CA TYR A 226 -9.03 2.24 -9.43
C TYR A 226 -10.49 2.11 -9.04
N LEU A 227 -11.38 2.63 -9.87
CA LEU A 227 -12.80 2.72 -9.58
C LEU A 227 -13.60 2.28 -10.79
N PRO A 228 -14.91 2.06 -10.64
CA PRO A 228 -15.71 1.59 -11.78
C PRO A 228 -15.64 2.56 -12.95
N ALA A 229 -15.76 1.97 -14.15
CA ALA A 229 -15.62 2.73 -15.37
C ALA A 229 -16.57 3.92 -15.44
N THR A 230 -17.77 3.78 -14.89
CA THR A 230 -18.72 4.90 -14.90
C THR A 230 -18.16 6.10 -14.13
N VAL A 231 -17.62 5.83 -12.94
CA VAL A 231 -17.07 6.88 -12.10
C VAL A 231 -15.87 7.53 -12.78
N VAL A 232 -14.99 6.69 -13.32
CA VAL A 232 -13.75 7.20 -13.91
C VAL A 232 -14.05 8.01 -15.16
N SER A 233 -15.03 7.58 -15.97
CA SER A 233 -15.40 8.35 -17.13
C SER A 233 -15.97 9.72 -16.74
N ALA A 234 -16.78 9.75 -15.68
CA ALA A 234 -17.33 11.02 -15.22
C ALA A 234 -16.23 11.99 -14.76
N TYR A 235 -15.17 11.45 -14.15
CA TYR A 235 -14.05 12.29 -13.75
C TYR A 235 -13.33 12.84 -14.98
N TRP A 236 -12.87 11.96 -15.87
CA TRP A 236 -12.04 12.41 -16.98
C TRP A 236 -12.80 13.25 -17.99
N ALA A 237 -14.13 13.12 -18.04
CA ALA A 237 -14.93 13.97 -18.90
C ALA A 237 -14.79 15.44 -18.53
N GLN A 238 -14.34 15.74 -17.32
CA GLN A 238 -14.18 17.11 -16.88
C GLN A 238 -12.83 17.71 -17.26
N VAL A 239 -11.98 16.96 -17.94
CA VAL A 239 -10.61 17.37 -18.25
C VAL A 239 -10.50 17.46 -19.77
N SER A 240 -10.30 18.68 -20.28
CA SER A 240 -10.21 18.87 -21.72
C SER A 240 -9.08 18.04 -22.31
N GLY A 241 -9.40 17.27 -23.34
CA GLY A 241 -8.40 16.49 -24.02
C GLY A 241 -8.09 15.14 -23.41
N ALA A 242 -8.71 14.78 -22.29
CA ALA A 242 -8.45 13.50 -21.67
C ALA A 242 -9.11 12.39 -22.48
N LYS A 243 -8.47 11.22 -22.48
CA LYS A 243 -9.00 10.08 -23.21
C LYS A 243 -8.39 8.81 -22.64
N SER A 244 -9.07 7.70 -22.88
CA SER A 244 -8.52 6.39 -22.55
C SER A 244 -7.75 5.86 -23.73
N SER A 245 -6.52 5.44 -23.48
CA SER A 245 -5.59 4.95 -24.49
C SER A 245 -5.27 3.49 -24.19
N SER A 246 -5.68 2.59 -25.08
CA SER A 246 -5.30 1.20 -24.90
C SER A 246 -3.81 0.99 -25.13
N SER A 247 -3.19 1.83 -25.97
CA SER A 247 -1.75 1.69 -26.19
C SER A 247 -0.95 2.08 -24.95
N VAL A 248 -1.42 3.08 -24.22
CA VAL A 248 -0.72 3.49 -23.01
C VAL A 248 -1.14 2.65 -21.82
N GLY A 249 -2.39 2.20 -21.79
CA GLY A 249 -2.88 1.40 -20.69
C GLY A 249 -3.78 2.10 -19.72
N GLY A 250 -4.41 3.20 -20.11
CA GLY A 250 -5.34 3.87 -19.23
C GLY A 250 -5.63 5.28 -19.72
N TYR A 251 -6.28 6.03 -18.85
CA TYR A 251 -6.60 7.42 -19.13
C TYR A 251 -5.34 8.28 -19.10
N VAL A 252 -5.19 9.11 -20.13
CA VAL A 252 -4.15 10.11 -20.24
C VAL A 252 -4.81 11.46 -20.46
N PHE A 253 -4.05 12.52 -20.20
CA PHE A 253 -4.60 13.86 -20.30
C PHE A 253 -3.47 14.81 -20.67
N PRO A 254 -3.79 15.98 -21.22
CA PRO A 254 -2.73 16.91 -21.59
C PRO A 254 -1.97 17.37 -20.36
N CYS A 255 -0.63 17.33 -20.43
CA CYS A 255 0.14 17.75 -19.28
C CYS A 255 -0.09 19.21 -18.95
N SER A 256 -0.64 19.99 -19.90
CA SER A 256 -0.96 21.39 -19.69
C SER A 256 -2.19 21.59 -18.82
N ALA A 257 -2.92 20.54 -18.47
CA ALA A 257 -4.18 20.68 -17.76
C ALA A 257 -3.97 20.85 -16.26
N THR A 258 -4.91 21.57 -15.63
CA THR A 258 -5.08 21.59 -14.19
C THR A 258 -6.26 20.67 -13.86
N LEU A 259 -6.03 19.68 -13.01
CA LEU A 259 -7.03 18.63 -12.80
C LEU A 259 -8.01 19.02 -11.70
N PRO A 260 -9.28 18.63 -11.83
CA PRO A 260 -10.23 18.79 -10.73
C PRO A 260 -9.92 17.84 -9.59
N SER A 261 -10.37 18.22 -8.41
CA SER A 261 -10.30 17.32 -7.28
C SER A 261 -11.28 16.16 -7.45
N PHE A 262 -11.11 15.15 -6.59
CA PHE A 262 -12.03 14.02 -6.54
C PHE A 262 -12.35 13.76 -5.08
N THR A 263 -13.64 13.73 -4.75
CA THR A 263 -14.11 13.47 -3.40
C THR A 263 -14.68 12.07 -3.32
N PHE A 264 -14.31 11.32 -2.27
CA PHE A 264 -14.97 10.06 -2.00
C PHE A 264 -15.63 10.06 -0.62
N GLY A 265 -16.73 9.33 -0.50
CA GLY A 265 -17.49 9.28 0.73
C GLY A 265 -17.01 8.17 1.65
N VAL A 266 -16.98 8.48 2.95
CA VAL A 266 -16.76 7.51 4.00
C VAL A 266 -17.90 7.75 4.98
N GLY A 267 -18.92 6.88 4.94
CA GLY A 267 -20.12 7.17 5.69
C GLY A 267 -20.69 8.52 5.24
N SER A 268 -21.04 9.35 6.20
CA SER A 268 -21.53 10.69 5.89
C SER A 268 -20.39 11.70 5.71
N ALA A 269 -19.14 11.28 5.86
CA ALA A 269 -17.99 12.16 5.72
C ALA A 269 -17.42 12.10 4.31
N ARG A 270 -16.50 13.02 4.03
CA ARG A 270 -15.96 13.21 2.69
C ARG A 270 -14.46 13.40 2.77
N ILE A 271 -13.73 12.69 1.91
CA ILE A 271 -12.28 12.88 1.76
C ILE A 271 -12.03 13.48 0.39
N VAL A 272 -11.32 14.60 0.34
CA VAL A 272 -11.07 15.32 -0.90
C VAL A 272 -9.64 15.04 -1.35
N ILE A 273 -9.50 14.51 -2.56
CA ILE A 273 -8.20 14.31 -3.20
C ILE A 273 -7.94 15.53 -4.08
N PRO A 274 -6.95 16.36 -3.78
CA PRO A 274 -6.65 17.50 -4.65
C PRO A 274 -6.28 17.04 -6.06
N GLY A 275 -6.62 17.87 -7.05
CA GLY A 275 -6.33 17.54 -8.43
C GLY A 275 -4.88 17.19 -8.68
N ASP A 276 -3.96 17.90 -8.02
CA ASP A 276 -2.53 17.63 -8.27
C ASP A 276 -2.14 16.20 -7.90
N TYR A 277 -2.84 15.59 -6.94
CA TYR A 277 -2.54 14.21 -6.56
C TYR A 277 -2.84 13.23 -7.68
N ILE A 278 -3.63 13.63 -8.68
CA ILE A 278 -4.08 12.75 -9.77
C ILE A 278 -3.15 12.84 -10.98
N ASP A 279 -2.12 13.69 -10.92
CA ASP A 279 -1.19 13.87 -12.03
C ASP A 279 0.01 12.96 -11.84
N PHE A 280 0.18 11.98 -12.74
CA PHE A 280 1.33 11.07 -12.68
C PHE A 280 2.35 11.34 -13.77
N GLY A 281 2.30 12.53 -14.36
CA GLY A 281 3.38 13.00 -15.20
C GLY A 281 3.39 12.37 -16.57
N PRO A 282 4.37 12.76 -17.37
CA PRO A 282 4.44 12.29 -18.76
C PRO A 282 4.47 10.78 -18.88
N ILE A 283 3.75 10.26 -19.88
CA ILE A 283 3.68 8.82 -20.09
C ILE A 283 5.04 8.25 -20.45
N SER A 284 5.86 9.04 -21.13
CA SER A 284 7.24 8.73 -21.43
C SER A 284 8.00 10.03 -21.33
N THR A 285 9.31 9.94 -21.12
CA THR A 285 10.09 11.14 -20.87
C THR A 285 9.91 12.16 -22.00
N GLY A 286 9.56 13.38 -21.63
CA GLY A 286 9.40 14.45 -22.60
C GLY A 286 8.04 14.52 -23.29
N SER A 287 7.16 13.56 -23.03
CA SER A 287 5.84 13.60 -23.65
C SER A 287 4.98 14.68 -23.03
N SER A 288 4.08 15.23 -23.85
CA SER A 288 3.06 16.14 -23.35
C SER A 288 1.77 15.44 -22.97
N SER A 289 1.72 14.13 -23.05
CA SER A 289 0.60 13.35 -22.54
CA SER A 289 0.60 13.34 -22.55
C SER A 289 0.96 12.83 -21.16
N CYS A 290 0.07 13.06 -20.20
CA CYS A 290 0.30 12.72 -18.81
C CYS A 290 -0.60 11.57 -18.38
N PHE A 291 -0.13 10.74 -17.46
CA PHE A 291 -0.89 9.59 -17.03
C PHE A 291 -1.79 9.94 -15.84
N GLY A 292 -3.05 9.53 -15.91
CA GLY A 292 -3.98 9.85 -14.85
C GLY A 292 -3.84 8.98 -13.61
N GLY A 293 -4.13 9.57 -12.46
CA GLY A 293 -4.08 8.87 -11.19
C GLY A 293 -5.35 8.17 -10.77
N ILE A 294 -6.42 8.40 -11.53
CA ILE A 294 -7.68 7.68 -11.36
C ILE A 294 -7.87 6.85 -12.63
N GLN A 295 -8.05 5.54 -12.46
CA GLN A 295 -8.11 4.63 -13.58
C GLN A 295 -9.24 3.65 -13.35
N SER A 296 -9.69 3.02 -14.43
CA SER A 296 -10.77 2.06 -14.33
C SER A 296 -10.30 0.76 -13.68
N SER A 297 -11.15 0.22 -12.80
CA SER A 297 -10.91 -1.09 -12.22
C SER A 297 -11.39 -2.23 -13.11
N ALA A 298 -11.93 -1.93 -14.30
CA ALA A 298 -12.57 -2.96 -15.11
C ALA A 298 -11.67 -4.15 -15.37
N GLY A 299 -10.40 -3.92 -15.68
CA GLY A 299 -9.54 -5.08 -15.89
C GLY A 299 -9.14 -5.87 -14.65
N ILE A 300 -9.52 -5.43 -13.45
CA ILE A 300 -8.92 -5.92 -12.22
C ILE A 300 -9.82 -6.86 -11.43
N GLY A 301 -11.13 -6.65 -11.42
CA GLY A 301 -12.03 -7.46 -10.63
C GLY A 301 -12.35 -6.91 -9.26
N ILE A 302 -11.74 -5.78 -8.89
CA ILE A 302 -11.95 -5.19 -7.58
C ILE A 302 -11.56 -3.72 -7.68
N ASN A 303 -12.29 -2.86 -6.98
CA ASN A 303 -11.90 -1.47 -6.88
C ASN A 303 -10.81 -1.32 -5.82
N ILE A 304 -9.87 -0.42 -6.07
CA ILE A 304 -8.71 -0.29 -5.18
C ILE A 304 -8.52 1.17 -4.79
N PHE A 305 -8.66 1.45 -3.51
CA PHE A 305 -8.32 2.77 -2.96
C PHE A 305 -6.83 2.71 -2.64
N GLY A 306 -6.01 3.00 -3.66
CA GLY A 306 -4.57 3.03 -3.52
C GLY A 306 -4.07 4.36 -3.02
N ASP A 307 -2.77 4.60 -3.24
CA ASP A 307 -2.09 5.73 -2.60
C ASP A 307 -2.73 7.06 -2.98
N VAL A 308 -3.18 7.21 -4.22
CA VAL A 308 -3.82 8.46 -4.64
C VAL A 308 -4.93 8.85 -3.69
N ALA A 309 -5.74 7.88 -3.27
CA ALA A 309 -6.81 8.14 -2.32
C ALA A 309 -6.30 8.20 -0.90
N LEU A 310 -5.47 7.22 -0.50
CA LEU A 310 -5.09 7.13 0.90
C LEU A 310 -4.23 8.30 1.35
N LYS A 311 -3.39 8.83 0.46
CA LYS A 311 -2.52 9.92 0.87
C LYS A 311 -3.29 11.23 1.10
N ALA A 312 -4.55 11.29 0.69
CA ALA A 312 -5.38 12.45 1.02
C ALA A 312 -5.97 12.36 2.43
N ALA A 313 -5.74 11.27 3.15
CA ALA A 313 -6.42 11.03 4.41
C ALA A 313 -5.43 10.51 5.44
N PHE A 314 -5.85 10.59 6.70
CA PHE A 314 -5.24 9.84 7.79
C PHE A 314 -6.09 8.59 7.93
N VAL A 315 -5.47 7.41 7.81
CA VAL A 315 -6.21 6.15 7.68
C VAL A 315 -5.87 5.24 8.84
N VAL A 316 -6.90 4.77 9.54
CA VAL A 316 -6.76 3.86 10.67
C VAL A 316 -7.15 2.46 10.21
N PHE A 317 -6.21 1.54 10.35
CA PHE A 317 -6.47 0.13 10.09
C PHE A 317 -6.68 -0.51 11.47
N ASN A 318 -7.94 -0.68 11.83
CA ASN A 318 -8.31 -1.13 13.17
C ASN A 318 -8.42 -2.64 13.18
N GLY A 319 -7.46 -3.29 13.82
CA GLY A 319 -7.41 -4.75 13.88
C GLY A 319 -8.01 -5.34 15.14
N ALA A 320 -8.99 -4.64 15.71
CA ALA A 320 -9.75 -5.19 16.82
C ALA A 320 -10.52 -6.44 16.36
N THR A 321 -11.16 -7.11 17.33
CA THR A 321 -11.85 -8.37 17.04
C THR A 321 -12.79 -8.24 15.86
N THR A 322 -13.51 -7.13 15.77
CA THR A 322 -14.22 -6.77 14.56
C THR A 322 -13.42 -5.68 13.87
N PRO A 323 -12.69 -5.98 12.78
CA PRO A 323 -11.86 -4.94 12.16
C PRO A 323 -12.72 -3.88 11.49
N THR A 324 -12.20 -2.65 11.51
CA THR A 324 -12.84 -1.53 10.82
C THR A 324 -11.75 -0.65 10.23
N LEU A 325 -12.17 0.29 9.37
CA LEU A 325 -11.28 1.27 8.79
C LEU A 325 -11.75 2.66 9.18
N GLY A 326 -10.82 3.52 9.54
CA GLY A 326 -11.12 4.91 9.84
C GLY A 326 -10.45 5.85 8.86
N PHE A 327 -11.17 6.89 8.45
CA PHE A 327 -10.62 7.92 7.58
C PHE A 327 -10.86 9.28 8.20
N ALA A 328 -9.82 10.10 8.27
CA ALA A 328 -9.96 11.49 8.61
C ALA A 328 -9.28 12.35 7.56
N SER A 329 -9.81 13.56 7.38
N SER A 329 -9.80 13.57 7.39
CA SER A 329 -9.09 14.55 6.59
CA SER A 329 -9.10 14.55 6.59
C SER A 329 -7.83 14.99 7.32
C SER A 329 -7.86 15.03 7.33
N LYS A 330 -6.95 15.64 6.59
CA LYS A 330 -5.69 16.10 7.18
C LYS A 330 -5.12 17.23 6.36
N VAL B 2 1.95 0.61 -9.71
CA VAL B 2 2.08 -0.76 -9.25
C VAL B 2 0.80 -1.16 -8.54
N VAL B 3 0.53 -2.47 -8.49
CA VAL B 3 -0.65 -2.99 -7.84
C VAL B 3 -0.20 -4.23 -7.06
N ALA B 5 -2.02 -8.40 -3.70
CA ALA B 5 -1.89 -9.81 -3.98
C ALA B 5 -3.18 -10.34 -4.63
#